data_4QYE
#
_entry.id   4QYE
#
_cell.length_a   44.850
_cell.length_b   65.865
_cell.length_c   57.742
_cell.angle_alpha   90.00
_cell.angle_beta   93.97
_cell.angle_gamma   90.00
#
_symmetry.space_group_name_H-M   'P 1 21 1'
#
loop_
_entity.id
_entity.type
_entity.pdbx_description
1 polymer 'Serine/threonine-protein kinase Chk1'
2 non-polymer '4-[6-(3-hydroxyphenyl)pyrazin-2-yl]benzoic acid'
3 water water
#
_entity_poly.entity_id   1
_entity_poly.type   'polypeptide(L)'
_entity_poly.pdbx_seq_one_letter_code
;MAVPFVEDWDLVQTLGEGAYGEVQLAVNRVTEEAVAVKIVDMKRAVDCPENIKKEICINKMLNHENVVKFYGHRREGNIQ
YLFLEYCSGGELFDRIEPDIGMPEPDAQRFFHQLMAGVVYLHGIGITHRDIKPENLLLDERDNLKISDFGLATVFRYNNR
ERLLNKMCGTLPYVAPELLKRREFHAEPVDVWSCGIVLTAMLAGELPWDQPSDSCQEYSDWKEKKTYLNPWKKIDSAPLA
LLHKILVENPSARITIPDIKKDRWYNKPLKKGAKRPRVTSGGVSESPSGGHHHHHHHH
;
_entity_poly.pdbx_strand_id   A
#
loop_
_chem_comp.id
_chem_comp.type
_chem_comp.name
_chem_comp.formula
3DL non-polymer '4-[6-(3-hydroxyphenyl)pyrazin-2-yl]benzoic acid' 'C17 H12 N2 O3'
#
# COMPACT_ATOMS: atom_id res chain seq x y z
N VAL A 3 7.59 7.60 -36.52
CA VAL A 3 6.72 6.38 -36.51
C VAL A 3 5.24 6.79 -36.45
N PRO A 4 4.48 6.55 -37.54
CA PRO A 4 3.03 6.74 -37.45
C PRO A 4 2.39 5.76 -36.46
N PHE A 5 1.33 6.19 -35.79
CA PHE A 5 0.46 5.34 -34.94
C PHE A 5 0.95 5.03 -33.53
N VAL A 6 2.20 5.39 -33.19
CA VAL A 6 2.76 5.04 -31.86
C VAL A 6 1.98 5.61 -30.68
N GLU A 7 1.18 6.64 -30.92
CA GLU A 7 0.41 7.29 -29.85
C GLU A 7 -0.98 6.68 -29.66
N ASP A 8 -1.32 5.63 -30.41
CA ASP A 8 -2.64 5.00 -30.32
C ASP A 8 -2.59 3.77 -29.42
N TRP A 9 -3.49 3.76 -28.45
CA TRP A 9 -3.61 2.72 -27.46
C TRP A 9 -4.98 2.10 -27.64
N ASP A 10 -5.06 0.78 -27.66
CA ASP A 10 -6.34 0.11 -27.63
C ASP A 10 -6.64 -0.22 -26.19
N LEU A 11 -7.86 0.09 -25.76
CA LEU A 11 -8.36 -0.29 -24.44
C LEU A 11 -8.95 -1.68 -24.57
N VAL A 12 -8.37 -2.66 -23.85
CA VAL A 12 -8.65 -4.08 -24.10
C VAL A 12 -9.35 -4.82 -22.95
N GLN A 13 -9.39 -4.23 -21.76
CA GLN A 13 -9.84 -4.95 -20.56
C GLN A 13 -10.02 -3.97 -19.40
N THR A 14 -11.08 -4.17 -18.62
CA THR A 14 -11.30 -3.41 -17.37
C THR A 14 -10.50 -4.05 -16.23
N LEU A 15 -9.73 -3.24 -15.53
CA LEU A 15 -8.93 -3.70 -14.38
C LEU A 15 -9.60 -3.39 -13.06
N GLY A 16 -10.52 -2.44 -13.06
CA GLY A 16 -11.32 -2.12 -11.88
C GLY A 16 -12.20 -0.90 -12.06
N GLU A 17 -13.46 -1.02 -11.61
CA GLU A 17 -14.33 0.14 -11.38
C GLU A 17 -13.95 0.78 -10.04
N GLY A 18 -14.32 2.05 -9.86
CA GLY A 18 -14.03 2.77 -8.62
C GLY A 18 -15.06 3.86 -8.38
N ALA A 19 -14.79 4.73 -7.42
CA ALA A 19 -15.66 5.88 -7.17
C ALA A 19 -15.48 6.88 -8.32
N TYR A 20 -14.23 7.34 -8.48
CA TYR A 20 -13.79 8.15 -9.62
C TYR A 20 -14.33 7.70 -10.99
N GLY A 21 -14.36 6.39 -11.22
CA GLY A 21 -14.74 5.84 -12.50
C GLY A 21 -14.26 4.42 -12.78
N GLU A 22 -13.06 4.30 -13.38
CA GLU A 22 -12.65 3.05 -14.03
C GLU A 22 -11.19 3.07 -14.52
N VAL A 23 -10.50 1.93 -14.37
CA VAL A 23 -9.12 1.76 -14.83
C VAL A 23 -9.11 0.68 -15.92
N GLN A 24 -8.52 1.00 -17.07
CA GLN A 24 -8.43 0.07 -18.19
C GLN A 24 -6.99 -0.33 -18.48
N LEU A 25 -6.82 -1.58 -18.89
CA LEU A 25 -5.59 -2.03 -19.51
C LEU A 25 -5.60 -1.52 -20.96
N ALA A 26 -4.56 -0.76 -21.29
CA ALA A 26 -4.38 -0.19 -22.63
C ALA A 26 -3.11 -0.76 -23.24
N VAL A 27 -3.20 -1.17 -24.50
CA VAL A 27 -2.05 -1.70 -25.23
C VAL A 27 -1.73 -0.82 -26.43
N ASN A 28 -0.46 -0.43 -26.55
CA ASN A 28 -0.01 0.33 -27.72
C ASN A 28 -0.15 -0.47 -29.02
N ARG A 29 -0.80 0.16 -29.99
CA ARG A 29 -1.06 -0.40 -31.29
C ARG A 29 0.23 -0.82 -31.98
N VAL A 30 1.29 -0.02 -31.85
CA VAL A 30 2.56 -0.28 -32.52
C VAL A 30 3.47 -1.18 -31.67
N THR A 31 3.70 -0.80 -30.42
CA THR A 31 4.73 -1.42 -29.61
C THR A 31 4.22 -2.56 -28.71
N GLU A 32 2.91 -2.57 -28.44
CA GLU A 32 2.26 -3.56 -27.60
C GLU A 32 2.62 -3.39 -26.13
N GLU A 33 3.28 -2.27 -25.82
CA GLU A 33 3.49 -1.86 -24.43
C GLU A 33 2.10 -1.75 -23.78
N ALA A 34 1.96 -2.29 -22.58
CA ALA A 34 0.72 -2.22 -21.84
C ALA A 34 0.88 -1.19 -20.74
N VAL A 35 -0.16 -0.40 -20.54
CA VAL A 35 -0.26 0.53 -19.42
C VAL A 35 -1.67 0.46 -18.86
N ALA A 36 -1.82 0.96 -17.63
CA ALA A 36 -3.13 1.15 -17.04
C ALA A 36 -3.56 2.59 -17.33
N VAL A 37 -4.81 2.74 -17.71
CA VAL A 37 -5.35 4.06 -17.96
C VAL A 37 -6.48 4.29 -16.99
N LYS A 38 -6.31 5.31 -16.15
CA LYS A 38 -7.30 5.64 -15.14
C LYS A 38 -8.19 6.73 -15.72
N ILE A 39 -9.47 6.42 -15.83
CA ILE A 39 -10.44 7.30 -16.44
C ILE A 39 -11.32 7.88 -15.34
N VAL A 40 -11.30 9.21 -15.20
CA VAL A 40 -12.09 9.89 -14.16
C VAL A 40 -13.00 10.96 -14.80
N ASP A 41 -14.31 10.80 -14.55
CA ASP A 41 -15.33 11.73 -15.06
C ASP A 41 -15.42 12.92 -14.10
N MET A 42 -15.00 14.09 -14.56
CA MET A 42 -14.94 15.27 -13.70
C MET A 42 -16.31 15.92 -13.43
N LYS A 43 -17.32 15.54 -14.22
CA LYS A 43 -18.69 16.05 -14.04
C LYS A 43 -19.36 15.46 -12.81
N ASN A 51 -9.21 18.06 -6.91
CA ASN A 51 -9.09 16.67 -6.46
C ASN A 51 -8.18 15.84 -7.37
N ILE A 52 -8.46 15.92 -8.67
CA ILE A 52 -7.73 15.14 -9.67
C ILE A 52 -6.43 15.85 -10.03
N LYS A 53 -6.44 17.18 -9.94
CA LYS A 53 -5.25 17.98 -10.20
C LYS A 53 -4.15 17.72 -9.16
N LYS A 54 -4.57 17.47 -7.92
CA LYS A 54 -3.64 17.16 -6.83
C LYS A 54 -3.06 15.75 -6.98
N GLU A 55 -3.91 14.78 -7.30
CA GLU A 55 -3.50 13.41 -7.60
C GLU A 55 -2.48 13.39 -8.74
N ILE A 56 -2.74 14.15 -9.80
CA ILE A 56 -1.83 14.21 -10.95
C ILE A 56 -0.52 14.85 -10.50
N CYS A 57 -0.63 15.97 -9.81
CA CYS A 57 0.52 16.69 -9.29
C CYS A 57 1.44 15.82 -8.40
N ILE A 58 0.84 15.12 -7.46
CA ILE A 58 1.59 14.19 -6.63
C ILE A 58 2.18 13.07 -7.49
N ASN A 59 1.37 12.49 -8.37
CA ASN A 59 1.86 11.45 -9.29
C ASN A 59 3.08 11.90 -10.11
N LYS A 60 3.12 13.16 -10.52
CA LYS A 60 4.27 13.70 -11.27
C LYS A 60 5.57 13.71 -10.46
N MET A 61 5.47 13.68 -9.13
CA MET A 61 6.62 13.62 -8.23
C MET A 61 7.23 12.22 -8.07
N LEU A 62 6.49 11.17 -8.44
CA LEU A 62 6.82 9.81 -7.99
C LEU A 62 7.70 9.04 -8.94
N ASN A 63 8.86 8.59 -8.43
CA ASN A 63 9.79 7.77 -9.20
C ASN A 63 10.51 6.77 -8.30
N HIS A 64 9.87 5.63 -8.12
CA HIS A 64 10.42 4.58 -7.30
C HIS A 64 9.87 3.24 -7.78
N GLU A 65 10.73 2.23 -7.77
CA GLU A 65 10.39 0.86 -8.17
C GLU A 65 9.26 0.15 -7.37
N ASN A 66 8.90 0.67 -6.19
CA ASN A 66 7.82 0.11 -5.38
C ASN A 66 6.64 1.07 -5.31
N VAL A 67 6.59 2.01 -6.26
CA VAL A 67 5.46 2.92 -6.45
C VAL A 67 5.07 2.89 -7.93
N VAL A 68 3.77 2.79 -8.18
CA VAL A 68 3.22 2.79 -9.50
C VAL A 68 3.68 4.05 -10.27
N LYS A 69 4.35 3.82 -11.40
CA LYS A 69 4.89 4.91 -12.24
C LYS A 69 3.78 5.63 -12.97
N PHE A 70 3.90 6.96 -13.05
CA PHE A 70 2.96 7.82 -13.75
C PHE A 70 3.67 8.25 -15.04
N TYR A 71 2.99 8.01 -16.16
CA TYR A 71 3.58 8.28 -17.48
C TYR A 71 3.18 9.65 -18.03
N GLY A 72 2.01 10.13 -17.63
CA GLY A 72 1.49 11.41 -18.09
C GLY A 72 -0.02 11.37 -18.04
N HIS A 73 -0.64 12.45 -18.51
CA HIS A 73 -2.09 12.56 -18.55
C HIS A 73 -2.56 13.38 -19.74
N ARG A 74 -3.84 13.19 -20.09
CA ARG A 74 -4.46 13.90 -21.19
C ARG A 74 -5.94 14.08 -20.85
N ARG A 75 -6.48 15.29 -21.05
CA ARG A 75 -7.92 15.51 -20.85
C ARG A 75 -8.64 15.73 -22.19
N GLU A 76 -9.80 15.08 -22.32
CA GLU A 76 -10.62 15.20 -23.53
C GLU A 76 -12.03 15.61 -23.11
N GLY A 77 -12.21 16.91 -22.96
CA GLY A 77 -13.46 17.49 -22.46
C GLY A 77 -13.48 17.49 -20.94
N ASN A 78 -14.37 16.68 -20.37
CA ASN A 78 -14.49 16.52 -18.91
C ASN A 78 -13.97 15.17 -18.42
N ILE A 79 -13.29 14.43 -19.29
CA ILE A 79 -12.69 13.13 -18.93
C ILE A 79 -11.17 13.26 -18.86
N GLN A 80 -10.60 13.00 -17.69
CA GLN A 80 -9.15 12.94 -17.49
C GLN A 80 -8.65 11.49 -17.66
N TYR A 81 -7.54 11.34 -18.38
CA TYR A 81 -6.90 10.04 -18.64
C TYR A 81 -5.50 10.01 -18.03
N LEU A 82 -5.35 9.38 -16.86
CA LEU A 82 -4.01 9.19 -16.27
C LEU A 82 -3.38 7.92 -16.81
N PHE A 83 -2.16 8.03 -17.31
CA PHE A 83 -1.42 6.88 -17.84
C PHE A 83 -0.45 6.40 -16.77
N LEU A 84 -0.63 5.16 -16.36
CA LEU A 84 0.07 4.61 -15.18
C LEU A 84 0.65 3.24 -15.45
N GLU A 85 1.61 2.85 -14.63
CA GLU A 85 2.27 1.56 -14.78
C GLU A 85 1.26 0.44 -14.67
N TYR A 86 1.33 -0.50 -15.61
CA TYR A 86 0.52 -1.70 -15.57
C TYR A 86 1.20 -2.76 -14.70
N CYS A 87 0.41 -3.37 -13.82
CA CYS A 87 0.90 -4.28 -12.81
C CYS A 87 0.12 -5.57 -13.02
N SER A 88 0.72 -6.53 -13.73
CA SER A 88 -0.07 -7.68 -14.25
C SER A 88 -0.42 -8.70 -13.17
N GLY A 89 0.36 -8.70 -12.08
CA GLY A 89 0.10 -9.59 -10.94
C GLY A 89 -1.16 -9.25 -10.15
N GLY A 90 -1.74 -8.09 -10.41
CA GLY A 90 -3.00 -7.66 -9.79
C GLY A 90 -2.76 -7.16 -8.36
N GLU A 91 -3.76 -7.34 -7.52
CA GLU A 91 -3.74 -6.89 -6.13
C GLU A 91 -3.19 -7.92 -5.17
N LEU A 92 -2.39 -7.43 -4.22
CA LEU A 92 -1.86 -8.23 -3.09
C LEU A 92 -3.00 -8.90 -2.34
N PHE A 93 -4.12 -8.20 -2.27
CA PHE A 93 -5.33 -8.70 -1.68
C PHE A 93 -5.61 -10.13 -2.14
N ASP A 94 -5.46 -10.41 -3.43
CA ASP A 94 -5.76 -11.73 -3.99
C ASP A 94 -4.68 -12.78 -3.78
N ARG A 95 -3.56 -12.41 -3.15
CA ARG A 95 -2.51 -13.36 -2.73
C ARG A 95 -2.69 -13.79 -1.27
N ILE A 96 -3.64 -13.17 -0.59
CA ILE A 96 -3.97 -13.51 0.77
C ILE A 96 -5.16 -14.50 0.80
N GLU A 97 -4.91 -15.70 1.30
CA GLU A 97 -5.95 -16.70 1.38
C GLU A 97 -6.78 -16.42 2.61
N PRO A 98 -8.12 -16.27 2.46
CA PRO A 98 -8.87 -16.01 3.67
C PRO A 98 -8.61 -17.03 4.80
N ASP A 99 -8.48 -16.49 6.00
CA ASP A 99 -8.22 -17.23 7.22
C ASP A 99 -6.85 -17.88 7.34
N ILE A 100 -6.04 -17.80 6.29
CA ILE A 100 -4.71 -18.44 6.26
C ILE A 100 -3.57 -17.41 6.11
N GLY A 101 -3.70 -16.53 5.13
CA GLY A 101 -2.62 -15.58 4.83
C GLY A 101 -1.82 -16.05 3.63
N MET A 102 -0.51 -16.08 3.80
CA MET A 102 0.38 -16.58 2.79
C MET A 102 1.66 -17.06 3.50
N PRO A 103 2.51 -17.79 2.78
CA PRO A 103 3.78 -18.19 3.37
C PRO A 103 4.56 -17.02 3.93
N GLU A 104 5.06 -17.18 5.15
CA GLU A 104 5.77 -16.13 5.85
C GLU A 104 6.91 -15.49 5.04
N PRO A 105 7.69 -16.29 4.29
CA PRO A 105 8.73 -15.65 3.47
C PRO A 105 8.17 -14.73 2.36
N ASP A 106 7.00 -15.06 1.78
CA ASP A 106 6.34 -14.18 0.81
C ASP A 106 5.90 -12.87 1.50
N ALA A 107 5.30 -13.00 2.67
CA ALA A 107 4.85 -11.85 3.44
C ALA A 107 6.03 -10.95 3.80
N GLN A 108 7.13 -11.55 4.22
CA GLN A 108 8.33 -10.75 4.56
C GLN A 108 8.85 -9.97 3.36
N ARG A 109 8.94 -10.63 2.22
CA ARG A 109 9.40 -9.97 1.00
C ARG A 109 8.47 -8.85 0.58
N PHE A 110 7.15 -9.08 0.65
CA PHE A 110 6.23 -8.04 0.30
C PHE A 110 6.32 -6.89 1.27
N PHE A 111 6.45 -7.21 2.55
CA PHE A 111 6.68 -6.21 3.57
C PHE A 111 7.97 -5.36 3.39
N HIS A 112 9.08 -5.99 3.01
CA HIS A 112 10.30 -5.29 2.63
C HIS A 112 10.05 -4.27 1.53
N GLN A 113 9.29 -4.65 0.51
CA GLN A 113 9.04 -3.80 -0.64
C GLN A 113 8.09 -2.68 -0.27
N LEU A 114 7.11 -2.96 0.58
CA LEU A 114 6.20 -1.96 1.09
C LEU A 114 6.96 -0.88 1.86
N MET A 115 7.84 -1.30 2.76
CA MET A 115 8.63 -0.33 3.52
C MET A 115 9.48 0.55 2.59
N ALA A 116 10.08 -0.07 1.59
CA ALA A 116 10.85 0.66 0.59
C ALA A 116 10.04 1.75 -0.09
N GLY A 117 8.85 1.40 -0.56
CA GLY A 117 7.94 2.39 -1.16
C GLY A 117 7.56 3.49 -0.20
N VAL A 118 7.24 3.11 1.04
CA VAL A 118 6.74 4.05 2.05
C VAL A 118 7.85 4.99 2.51
N VAL A 119 9.05 4.43 2.74
CA VAL A 119 10.25 5.27 2.96
C VAL A 119 10.44 6.31 1.87
N TYR A 120 10.31 5.89 0.61
CA TYR A 120 10.47 6.81 -0.51
C TYR A 120 9.46 7.94 -0.48
N LEU A 121 8.19 7.58 -0.34
CA LEU A 121 7.13 8.54 -0.25
C LEU A 121 7.35 9.53 0.86
N HIS A 122 7.60 9.00 2.05
CA HIS A 122 7.82 9.85 3.20
C HIS A 122 9.02 10.77 2.99
N GLY A 123 10.04 10.26 2.32
CA GLY A 123 11.24 11.04 2.05
C GLY A 123 10.98 12.22 1.13
N ILE A 124 9.96 12.13 0.30
CA ILE A 124 9.61 13.26 -0.57
C ILE A 124 8.42 14.01 -0.01
N GLY A 125 8.05 13.70 1.23
CA GLY A 125 7.09 14.44 1.99
C GLY A 125 5.65 14.12 1.65
N ILE A 126 5.43 12.94 1.06
CA ILE A 126 4.11 12.47 0.64
C ILE A 126 3.59 11.37 1.56
N THR A 127 2.34 11.50 2.01
CA THR A 127 1.70 10.40 2.71
C THR A 127 0.57 9.85 1.85
N HIS A 128 0.51 8.52 1.73
CA HIS A 128 -0.47 7.85 0.89
C HIS A 128 -1.90 7.92 1.49
N ARG A 129 -1.99 7.59 2.80
CA ARG A 129 -3.20 7.73 3.62
C ARG A 129 -4.26 6.64 3.44
N ASP A 130 -3.99 5.67 2.57
CA ASP A 130 -4.95 4.57 2.35
C ASP A 130 -4.28 3.27 1.93
N ILE A 131 -3.19 2.95 2.61
CA ILE A 131 -2.45 1.73 2.36
C ILE A 131 -3.25 0.50 2.80
N LYS A 132 -3.52 -0.39 1.86
CA LYS A 132 -4.23 -1.61 2.16
C LYS A 132 -3.95 -2.54 0.98
N PRO A 133 -4.20 -3.87 1.14
CA PRO A 133 -3.85 -4.88 0.11
C PRO A 133 -4.49 -4.63 -1.28
N GLU A 134 -5.68 -4.02 -1.29
CA GLU A 134 -6.34 -3.63 -2.54
C GLU A 134 -5.61 -2.60 -3.37
N ASN A 135 -4.79 -1.78 -2.70
CA ASN A 135 -4.00 -0.73 -3.31
C ASN A 135 -2.54 -1.09 -3.51
N LEU A 136 -2.14 -2.26 -3.07
CA LEU A 136 -0.76 -2.71 -3.29
C LEU A 136 -0.78 -3.73 -4.44
N LEU A 137 -0.18 -3.33 -5.56
CA LEU A 137 -0.26 -4.10 -6.79
C LEU A 137 1.04 -4.84 -7.00
N LEU A 138 0.98 -5.88 -7.84
CA LEU A 138 2.11 -6.73 -8.12
C LEU A 138 2.39 -6.69 -9.63
N ASP A 139 3.66 -6.51 -9.98
CA ASP A 139 4.06 -6.59 -11.38
C ASP A 139 4.24 -8.07 -11.75
N GLU A 140 4.66 -8.33 -12.98
CA GLU A 140 4.87 -9.70 -13.48
C GLU A 140 5.90 -10.52 -12.70
N ARG A 141 6.85 -9.84 -12.07
CA ARG A 141 7.83 -10.49 -11.19
C ARG A 141 7.41 -10.51 -9.70
N ASP A 142 6.14 -10.22 -9.42
CA ASP A 142 5.66 -10.14 -8.03
C ASP A 142 6.35 -9.05 -7.20
N ASN A 143 6.80 -7.99 -7.85
CA ASN A 143 7.29 -6.83 -7.13
C ASN A 143 6.09 -5.96 -6.78
N LEU A 144 6.07 -5.48 -5.54
CA LEU A 144 4.97 -4.70 -4.99
C LEU A 144 5.11 -3.23 -5.39
N LYS A 145 3.98 -2.63 -5.69
CA LYS A 145 3.88 -1.28 -6.15
C LYS A 145 2.73 -0.60 -5.43
N ILE A 146 3.03 0.45 -4.70
CA ILE A 146 2.00 1.29 -4.08
C ILE A 146 1.21 2.08 -5.16
N SER A 147 -0.12 1.94 -5.14
CA SER A 147 -0.95 2.53 -6.15
C SER A 147 -2.01 3.39 -5.50
N ASP A 148 -2.49 4.32 -6.32
CA ASP A 148 -3.67 5.15 -6.03
C ASP A 148 -3.38 6.29 -5.06
N PHE A 149 -3.05 7.45 -5.63
CA PHE A 149 -2.68 8.63 -4.89
C PHE A 149 -3.80 9.65 -4.82
N GLY A 150 -5.01 9.13 -4.99
CA GLY A 150 -6.24 9.90 -4.85
C GLY A 150 -6.47 10.43 -3.43
N LEU A 151 -5.99 9.74 -2.40
CA LEU A 151 -6.15 10.27 -1.03
C LEU A 151 -4.88 10.89 -0.49
N ALA A 152 -3.82 10.91 -1.31
CA ALA A 152 -2.49 11.24 -0.83
C ALA A 152 -2.35 12.75 -0.62
N THR A 153 -1.43 13.15 0.25
CA THR A 153 -1.19 14.57 0.48
C THR A 153 0.25 14.83 0.91
N VAL A 154 0.68 16.08 0.80
CA VAL A 154 1.96 16.59 1.30
C VAL A 154 1.88 16.78 2.81
N PHE A 155 2.78 16.13 3.54
CA PHE A 155 2.92 16.38 4.95
C PHE A 155 4.24 17.10 5.29
N ARG A 156 5.16 17.21 4.34
CA ARG A 156 6.41 17.97 4.55
C ARG A 156 6.70 18.78 3.32
N TYR A 157 6.97 20.07 3.51
CA TYR A 157 7.37 20.96 2.44
C TYR A 157 8.33 22.00 2.99
N ASN A 158 9.37 22.31 2.22
CA ASN A 158 10.45 23.21 2.66
C ASN A 158 10.98 22.81 4.02
N ASN A 159 11.03 21.48 4.20
CA ASN A 159 11.56 20.82 5.40
C ASN A 159 10.74 21.12 6.65
N ARG A 160 9.46 21.47 6.44
CA ARG A 160 8.57 21.81 7.53
C ARG A 160 7.37 20.88 7.47
N GLU A 161 7.19 20.11 8.54
CA GLU A 161 6.12 19.17 8.62
C GLU A 161 4.79 19.90 8.84
N ARG A 162 3.75 19.44 8.16
CA ARG A 162 2.38 19.86 8.43
C ARG A 162 1.61 18.69 9.03
N LEU A 163 0.89 18.99 10.11
CA LEU A 163 0.08 17.98 10.79
C LEU A 163 -1.21 17.81 10.01
N LEU A 164 -1.69 16.57 9.97
CA LEU A 164 -2.92 16.27 9.28
C LEU A 164 -4.13 16.42 10.21
N ASN A 165 -5.28 16.74 9.63
CA ASN A 165 -6.55 16.78 10.38
C ASN A 165 -7.77 16.15 9.67
N LYS A 166 -7.66 15.90 8.37
CA LYS A 166 -8.71 15.24 7.62
C LYS A 166 -8.69 13.77 8.00
N MET A 167 -9.85 13.26 8.38
CA MET A 167 -10.03 11.83 8.54
C MET A 167 -10.24 11.21 7.18
N CYS A 168 -9.34 10.31 6.79
CA CYS A 168 -9.55 9.52 5.60
C CYS A 168 -8.76 8.22 5.68
N GLY A 169 -8.96 7.38 4.68
CA GLY A 169 -8.45 6.02 4.67
C GLY A 169 -9.62 5.05 4.72
N THR A 170 -9.39 3.88 5.34
CA THR A 170 -10.31 2.74 5.32
C THR A 170 -10.31 2.22 6.75
N LEU A 171 -11.45 2.22 7.42
CA LEU A 171 -11.49 1.97 8.89
C LEU A 171 -10.62 0.83 9.47
N PRO A 172 -10.66 -0.38 8.88
CA PRO A 172 -9.84 -1.44 9.47
C PRO A 172 -8.32 -1.20 9.43
N TYR A 173 -7.86 -0.31 8.55
CA TYR A 173 -6.45 0.03 8.38
C TYR A 173 -6.00 1.34 9.03
N VAL A 174 -6.94 2.16 9.51
CA VAL A 174 -6.62 3.48 10.05
C VAL A 174 -6.13 3.42 11.47
N ALA A 175 -5.23 4.35 11.78
CA ALA A 175 -4.58 4.37 13.05
C ALA A 175 -5.53 5.00 14.09
N PRO A 176 -5.44 4.55 15.36
CA PRO A 176 -6.38 5.00 16.36
C PRO A 176 -6.41 6.53 16.55
N GLU A 177 -5.26 7.20 16.34
CA GLU A 177 -5.17 8.66 16.57
C GLU A 177 -6.00 9.42 15.58
N LEU A 178 -6.22 8.83 14.42
CA LEU A 178 -7.01 9.50 13.39
C LEU A 178 -8.46 9.56 13.85
N LEU A 179 -8.88 8.59 14.68
CA LEU A 179 -10.22 8.59 15.27
C LEU A 179 -10.33 9.37 16.60
N LYS A 180 -9.24 9.66 17.26
CA LYS A 180 -9.27 10.22 18.62
C LYS A 180 -8.87 11.69 18.71
N ARG A 181 -7.96 12.11 17.84
CA ARG A 181 -7.31 13.41 17.92
C ARG A 181 -7.65 14.29 16.74
N ARG A 182 -7.70 15.60 16.99
CA ARG A 182 -7.99 16.58 15.93
C ARG A 182 -6.87 16.65 14.92
N GLU A 183 -5.63 16.61 15.39
CA GLU A 183 -4.45 16.63 14.51
C GLU A 183 -3.52 15.48 14.84
N PHE A 184 -2.81 15.01 13.83
CA PHE A 184 -1.90 13.89 14.01
C PHE A 184 -0.79 13.96 12.97
N HIS A 185 0.35 13.36 13.29
CA HIS A 185 1.44 13.21 12.32
C HIS A 185 1.12 12.15 11.28
N ALA A 186 1.52 12.44 10.02
CA ALA A 186 1.24 11.58 8.88
C ALA A 186 1.92 10.25 8.90
N GLU A 187 3.21 10.24 9.25
CA GLU A 187 4.02 9.06 9.10
C GLU A 187 3.61 7.86 9.96
N PRO A 188 3.33 8.10 11.27
CA PRO A 188 2.84 6.98 12.07
C PRO A 188 1.54 6.35 11.59
N VAL A 189 0.68 7.11 10.92
CA VAL A 189 -0.55 6.61 10.35
C VAL A 189 -0.26 5.58 9.23
N ASP A 190 0.66 5.89 8.33
CA ASP A 190 1.03 4.95 7.27
C ASP A 190 1.76 3.73 7.83
N VAL A 191 2.57 3.92 8.86
CA VAL A 191 3.21 2.79 9.54
C VAL A 191 2.15 1.81 10.09
N TRP A 192 1.16 2.35 10.78
CA TRP A 192 0.05 1.57 11.32
C TRP A 192 -0.64 0.74 10.26
N SER A 193 -1.03 1.38 9.15
CA SER A 193 -1.67 0.65 8.03
C SER A 193 -0.83 -0.50 7.46
N CYS A 194 0.47 -0.29 7.40
CA CYS A 194 1.42 -1.33 7.00
C CYS A 194 1.41 -2.51 7.95
N GLY A 195 1.32 -2.21 9.24
CA GLY A 195 1.13 -3.24 10.27
C GLY A 195 -0.15 -4.04 10.10
N ILE A 196 -1.24 -3.36 9.76
CA ILE A 196 -2.49 -4.07 9.49
C ILE A 196 -2.33 -4.94 8.22
N VAL A 197 -1.67 -4.40 7.21
CA VAL A 197 -1.42 -5.19 6.01
C VAL A 197 -0.56 -6.44 6.33
N LEU A 198 0.46 -6.25 7.17
CA LEU A 198 1.27 -7.39 7.61
C LEU A 198 0.45 -8.44 8.36
N THR A 199 -0.40 -8.01 9.30
CA THR A 199 -1.32 -8.91 10.00
C THR A 199 -2.17 -9.73 9.01
N ALA A 200 -2.74 -9.04 8.01
CA ALA A 200 -3.55 -9.69 6.98
C ALA A 200 -2.79 -10.74 6.17
N MET A 201 -1.57 -10.40 5.74
CA MET A 201 -0.68 -11.32 5.03
C MET A 201 -0.37 -12.56 5.85
N LEU A 202 -0.22 -12.42 7.15
CA LEU A 202 0.17 -13.54 8.02
C LEU A 202 -0.99 -14.34 8.67
N ALA A 203 -2.20 -13.80 8.60
CA ALA A 203 -3.36 -14.43 9.24
C ALA A 203 -4.60 -14.56 8.33
N GLY A 204 -4.60 -13.83 7.21
CA GLY A 204 -5.73 -13.86 6.29
C GLY A 204 -7.00 -13.33 6.89
N GLU A 205 -6.86 -12.42 7.85
CA GLU A 205 -7.99 -11.78 8.47
C GLU A 205 -7.50 -10.46 9.04
N LEU A 206 -8.44 -9.54 9.18
CA LEU A 206 -8.20 -8.23 9.78
C LEU A 206 -8.51 -8.28 11.26
N PRO A 207 -7.64 -7.69 12.09
CA PRO A 207 -7.85 -7.84 13.54
C PRO A 207 -9.10 -7.18 14.13
N TRP A 208 -9.56 -6.07 13.55
CA TRP A 208 -10.72 -5.31 14.07
C TRP A 208 -11.38 -4.50 12.95
N ASP A 209 -12.65 -4.15 13.16
CA ASP A 209 -13.40 -3.25 12.30
C ASP A 209 -12.81 -1.85 12.30
N GLN A 210 -12.33 -1.45 13.48
CA GLN A 210 -11.67 -0.17 13.66
C GLN A 210 -10.99 -0.12 15.03
N PRO A 211 -9.92 0.69 15.16
CA PRO A 211 -9.12 0.74 16.38
C PRO A 211 -9.68 1.73 17.41
N SER A 212 -10.86 1.40 17.93
CA SER A 212 -11.52 2.28 18.88
C SER A 212 -11.78 1.58 20.21
N ASP A 213 -11.99 2.40 21.24
CA ASP A 213 -12.24 1.90 22.60
C ASP A 213 -13.48 1.00 22.68
N SER A 214 -14.41 1.19 21.74
CA SER A 214 -15.65 0.39 21.64
C SER A 214 -15.53 -0.90 20.83
N CYS A 215 -14.37 -1.16 20.23
CA CYS A 215 -14.15 -2.39 19.46
C CYS A 215 -13.47 -3.44 20.34
N GLN A 216 -14.23 -4.48 20.67
CA GLN A 216 -13.76 -5.52 21.60
C GLN A 216 -12.44 -6.14 21.15
N GLU A 217 -12.30 -6.38 19.85
CA GLU A 217 -11.07 -7.01 19.34
C GLU A 217 -9.86 -6.11 19.50
N TYR A 218 -10.07 -4.80 19.36
CA TYR A 218 -9.01 -3.84 19.60
C TYR A 218 -8.68 -3.78 21.10
N SER A 219 -9.70 -3.80 21.94
CA SER A 219 -9.51 -3.92 23.41
C SER A 219 -8.70 -5.15 23.79
N ASP A 220 -9.02 -6.28 23.17
CA ASP A 220 -8.31 -7.55 23.42
C ASP A 220 -6.81 -7.48 23.07
N TRP A 221 -6.51 -6.85 21.93
CA TRP A 221 -5.13 -6.58 21.53
C TRP A 221 -4.37 -5.71 22.54
N LYS A 222 -4.96 -4.58 22.94
CA LYS A 222 -4.39 -3.73 23.97
C LYS A 222 -4.22 -4.45 25.32
N GLU A 223 -5.07 -5.43 25.60
CA GLU A 223 -4.91 -6.30 26.77
C GLU A 223 -3.97 -7.48 26.52
N LYS A 224 -3.32 -7.51 25.35
CA LYS A 224 -2.32 -8.52 24.97
C LYS A 224 -2.83 -9.97 24.97
N LYS A 225 -4.09 -10.14 24.60
CA LYS A 225 -4.68 -11.46 24.52
C LYS A 225 -4.29 -12.07 23.15
N THR A 226 -2.99 -12.37 23.00
CA THR A 226 -2.47 -12.83 21.70
C THR A 226 -2.65 -14.33 21.50
N TYR A 227 -3.21 -14.98 22.53
CA TYR A 227 -3.74 -16.34 22.39
C TYR A 227 -5.01 -16.41 21.54
N LEU A 228 -5.61 -15.27 21.20
CA LEU A 228 -6.75 -15.23 20.27
C LEU A 228 -6.33 -14.96 18.83
N ASN A 229 -7.24 -15.19 17.89
CA ASN A 229 -7.07 -14.81 16.49
C ASN A 229 -7.18 -13.30 16.29
N PRO A 230 -6.44 -12.72 15.32
CA PRO A 230 -5.55 -13.39 14.37
C PRO A 230 -4.18 -13.74 14.93
N TRP A 231 -3.87 -13.26 16.12
CA TRP A 231 -2.49 -13.24 16.61
C TRP A 231 -1.96 -14.67 16.86
N LYS A 232 -2.84 -15.60 17.19
CA LYS A 232 -2.39 -16.97 17.50
C LYS A 232 -1.86 -17.69 16.25
N LYS A 233 -2.25 -17.21 15.07
CA LYS A 233 -1.75 -17.71 13.79
C LYS A 233 -0.36 -17.18 13.40
N ILE A 234 0.14 -16.17 14.10
CA ILE A 234 1.33 -15.47 13.67
C ILE A 234 2.47 -15.94 14.52
N ASP A 235 3.57 -16.26 13.88
CA ASP A 235 4.74 -16.71 14.60
C ASP A 235 5.26 -15.60 15.52
N SER A 236 5.91 -16.00 16.60
CA SER A 236 6.34 -15.07 17.63
C SER A 236 7.24 -13.92 17.09
N ALA A 237 8.11 -14.22 16.12
CA ALA A 237 9.01 -13.19 15.59
C ALA A 237 8.25 -12.09 14.82
N PRO A 238 7.47 -12.43 13.79
CA PRO A 238 6.70 -11.32 13.21
C PRO A 238 5.69 -10.68 14.19
N LEU A 239 5.20 -11.46 15.15
CA LEU A 239 4.23 -10.95 16.12
C LEU A 239 4.87 -9.91 17.04
N ALA A 240 6.15 -10.09 17.36
CA ALA A 240 6.94 -9.13 18.12
C ALA A 240 7.09 -7.81 17.35
N LEU A 241 7.20 -7.87 16.02
CA LEU A 241 7.20 -6.66 15.21
C LEU A 241 5.83 -5.94 15.25
N LEU A 242 4.77 -6.70 15.08
CA LEU A 242 3.43 -6.15 15.16
C LEU A 242 3.16 -5.50 16.51
N HIS A 243 3.71 -6.06 17.58
CA HIS A 243 3.56 -5.44 18.91
C HIS A 243 4.15 -4.03 18.95
N LYS A 244 5.20 -3.81 18.16
CA LYS A 244 5.86 -2.51 18.06
C LYS A 244 5.18 -1.55 17.09
N ILE A 245 4.52 -2.08 16.07
CA ILE A 245 3.78 -1.26 15.09
C ILE A 245 2.38 -0.89 15.59
N LEU A 246 1.65 -1.84 16.14
CA LEU A 246 0.23 -1.55 16.47
C LEU A 246 0.15 -1.05 17.92
N VAL A 247 0.85 0.05 18.14
CA VAL A 247 0.99 0.70 19.43
C VAL A 247 0.07 1.91 19.33
N GLU A 248 -0.82 2.04 20.30
CA GLU A 248 -1.85 3.08 20.26
C GLU A 248 -1.28 4.51 20.19
N ASN A 249 -0.25 4.78 21.00
CA ASN A 249 0.37 6.09 21.03
C ASN A 249 1.26 6.28 19.80
N PRO A 250 0.89 7.18 18.88
CA PRO A 250 1.73 7.31 17.66
C PRO A 250 3.16 7.81 17.94
N SER A 251 3.35 8.52 19.06
CA SER A 251 4.69 8.96 19.47
C SER A 251 5.57 7.83 20.02
N ALA A 252 4.97 6.76 20.52
CA ALA A 252 5.71 5.60 20.99
C ALA A 252 5.77 4.53 19.90
N ARG A 253 4.94 4.65 18.87
CA ARG A 253 4.96 3.68 17.78
C ARG A 253 6.33 3.62 17.11
N ILE A 254 6.76 2.41 16.73
CA ILE A 254 8.05 2.21 16.08
C ILE A 254 8.04 2.96 14.75
N THR A 255 9.21 3.50 14.40
CA THR A 255 9.39 4.23 13.18
C THR A 255 10.00 3.27 12.18
N ILE A 256 10.03 3.69 10.92
CA ILE A 256 10.54 2.83 9.88
C ILE A 256 12.02 2.53 10.04
N PRO A 257 12.88 3.53 10.37
CA PRO A 257 14.27 3.18 10.63
C PRO A 257 14.44 2.05 11.64
N ASP A 258 13.59 2.02 12.66
CA ASP A 258 13.65 0.95 13.66
C ASP A 258 12.98 -0.36 13.23
N ILE A 259 11.96 -0.27 12.38
CA ILE A 259 11.41 -1.46 11.71
C ILE A 259 12.52 -2.19 10.95
N LYS A 260 13.37 -1.44 10.26
CA LYS A 260 14.48 -2.02 9.49
C LYS A 260 15.55 -2.71 10.34
N LYS A 261 15.53 -2.43 11.64
CA LYS A 261 16.38 -3.05 12.62
C LYS A 261 15.74 -4.24 13.31
N ASP A 262 14.45 -4.51 13.05
CA ASP A 262 13.72 -5.52 13.76
C ASP A 262 14.25 -6.90 13.40
N ARG A 263 14.17 -7.80 14.37
CA ARG A 263 14.71 -9.16 14.20
C ARG A 263 14.02 -9.94 13.08
N TRP A 264 12.67 -10.01 13.07
CA TRP A 264 11.99 -10.71 12.00
C TRP A 264 12.28 -10.06 10.64
N TYR A 265 12.25 -8.73 10.62
CA TYR A 265 12.52 -7.99 9.40
C TYR A 265 13.86 -8.45 8.74
N ASN A 266 14.83 -8.78 9.58
CA ASN A 266 16.18 -9.16 9.14
C ASN A 266 16.44 -10.67 9.11
N LYS A 267 15.39 -11.47 9.30
CA LYS A 267 15.50 -12.92 9.43
C LYS A 267 15.59 -13.53 8.04
N PRO A 268 16.64 -14.29 7.75
CA PRO A 268 16.65 -14.97 6.45
C PRO A 268 15.55 -16.02 6.37
N LEU A 269 14.67 -15.88 5.39
CA LEU A 269 13.51 -16.78 5.22
C LEU A 269 13.37 -17.31 3.79
N LYS A 270 13.63 -16.45 2.80
CA LYS A 270 13.25 -16.72 1.41
C LYS A 270 14.47 -16.86 0.49
N LYS A 271 14.50 -17.96 -0.24
CA LYS A 271 15.44 -18.13 -1.34
C LYS A 271 15.11 -17.14 -2.45
N GLY A 272 16.12 -16.77 -3.25
CA GLY A 272 15.91 -15.88 -4.39
C GLY A 272 15.02 -16.48 -5.46
N ALA A 273 14.41 -15.61 -6.28
CA ALA A 273 13.49 -16.03 -7.35
C ALA A 273 14.07 -17.19 -8.17
N LYS A 274 13.30 -18.28 -8.28
CA LYS A 274 13.76 -19.55 -8.87
C LYS A 274 14.27 -19.42 -10.31
N ARG A 275 15.58 -19.26 -10.46
CA ARG A 275 16.22 -19.16 -11.76
C ARG A 275 16.58 -20.55 -12.30
N PRO A 276 16.68 -20.70 -13.63
CA PRO A 276 16.89 -22.02 -14.23
C PRO A 276 18.28 -22.61 -13.98
N ARG A 277 18.34 -23.93 -13.83
CA ARG A 277 19.60 -24.64 -13.58
C ARG A 277 19.48 -26.11 -13.99
N VAL A 278 20.61 -26.77 -14.22
CA VAL A 278 20.65 -28.17 -14.62
C VAL A 278 21.77 -28.92 -13.88
N THR A 279 21.76 -30.25 -13.95
CA THR A 279 22.82 -31.06 -13.33
C THR A 279 23.43 -32.04 -14.34
N SER A 280 24.60 -32.58 -14.01
CA SER A 280 25.32 -33.51 -14.88
C SER A 280 25.54 -34.85 -14.18
O3 3DL B . -5.60 4.62 -8.95
C17 3DL B . -4.50 4.49 -9.54
O2 3DL B . -3.66 5.42 -9.62
C1 3DL B . -4.20 3.17 -10.16
C6 3DL B . -5.20 2.21 -10.19
C5 3DL B . -4.96 0.97 -10.77
C4 3DL B . -3.73 0.70 -11.35
C3 3DL B . -2.71 1.65 -11.31
C2 3DL B . -2.95 2.89 -10.71
C7 3DL B . -3.48 -0.65 -11.90
N2 3DL B . -4.34 -1.63 -11.54
C10 3DL B . -4.14 -2.89 -11.97
C9 3DL B . -3.02 -3.17 -12.75
N1 3DL B . -2.17 -2.21 -13.08
C8 3DL B . -2.36 -0.95 -12.67
C11 3DL B . -5.05 -3.98 -11.54
C16 3DL B . -5.06 -5.22 -12.16
C15 3DL B . -5.91 -6.21 -11.70
O1 3DL B . -5.92 -7.40 -12.35
C14 3DL B . -6.73 -6.00 -10.59
C13 3DL B . -6.70 -4.76 -9.93
C12 3DL B . -5.86 -3.76 -10.40
#